data_2OIW
#
_entry.id   2OIW
#
_cell.length_a   76.521
_cell.length_b   93.051
_cell.length_c   75.844
_cell.angle_alpha   90.00
_cell.angle_beta   90.00
_cell.angle_gamma   90.00
#
_symmetry.space_group_name_H-M   'P 21 21 2'
#
loop_
_entity.id
_entity.type
_entity.pdbx_description
1 polymer 'putative 4-hydroxybenzoyl-CoA thioesterase'
2 non-polymer 'MAGNESIUM ION'
3 non-polymer 1,2-ETHANEDIOL
4 water water
#
_entity_poly.entity_id   1
_entity_poly.type   'polypeptide(L)'
_entity_poly.pdbx_seq_one_letter_code
;SNA(MSE)FTTVITPRVSETDGVGHINNTTVPVWFEAGRHEIFKLFTPDLSFKRWR(MSE)VIIR(MSE)EVDYVNQ
(MSE)YYGQDVTVYTGIERIGNTSLTIYEEIHQNGVVCAKGRSVYVNFNFDTGRPEPIPDDIRVKLREHVWQPGE
;
_entity_poly.pdbx_strand_id   A,B,C,D
#
loop_
_chem_comp.id
_chem_comp.type
_chem_comp.name
_chem_comp.formula
EDO non-polymer 1,2-ETHANEDIOL 'C2 H6 O2'
MG non-polymer 'MAGNESIUM ION' 'Mg 2'
#
# COMPACT_ATOMS: atom_id res chain seq x y z
N ASN A 2 -9.65 -16.71 -24.83
CA ASN A 2 -8.34 -17.16 -25.42
C ASN A 2 -7.21 -16.12 -25.39
N ALA A 3 -7.59 -14.85 -25.60
CA ALA A 3 -6.67 -13.77 -25.95
C ALA A 3 -6.20 -12.89 -24.77
N MSE A 4 -6.60 -13.21 -23.54
CA MSE A 4 -6.24 -12.35 -22.41
C MSE A 4 -4.74 -12.40 -21.97
O MSE A 4 -4.03 -13.35 -22.29
CB MSE A 4 -7.23 -12.55 -21.24
CG MSE A 4 -6.94 -13.70 -20.30
SE MSE A 4 -7.16 -15.43 -21.13
CE MSE A 4 -9.12 -15.48 -21.20
N PHE A 5 -4.28 -11.34 -21.30
CA PHE A 5 -2.92 -11.31 -20.72
C PHE A 5 -2.98 -12.04 -19.42
N THR A 6 -1.89 -12.73 -19.08
CA THR A 6 -1.77 -13.57 -17.89
C THR A 6 -0.59 -13.10 -17.01
N THR A 7 -0.84 -12.83 -15.73
CA THR A 7 0.17 -12.24 -14.87
C THR A 7 0.12 -13.02 -13.57
N VAL A 8 1.15 -13.80 -13.31
CA VAL A 8 1.32 -14.53 -12.02
C VAL A 8 1.95 -13.60 -10.98
N ILE A 9 1.36 -13.59 -9.79
CA ILE A 9 1.83 -12.75 -8.68
C ILE A 9 1.97 -13.59 -7.42
N THR A 10 3.02 -13.34 -6.66
CA THR A 10 3.22 -13.92 -5.33
C THR A 10 2.70 -12.95 -4.27
N PRO A 11 1.61 -13.33 -3.55
CA PRO A 11 1.09 -12.48 -2.48
C PRO A 11 2.12 -12.27 -1.37
N ARG A 12 1.99 -11.14 -0.69
CA ARG A 12 2.96 -10.66 0.32
C ARG A 12 2.22 -10.59 1.64
N VAL A 13 2.94 -10.76 2.75
CA VAL A 13 2.32 -10.67 4.07
C VAL A 13 1.58 -9.32 4.23
N SER A 14 2.22 -8.24 3.78
CA SER A 14 1.66 -6.89 3.86
C SER A 14 0.34 -6.68 3.10
N GLU A 15 0.01 -7.60 2.17
CA GLU A 15 -1.24 -7.52 1.41
C GLU A 15 -2.43 -8.23 2.09
N THR A 16 -2.16 -8.91 3.21
CA THR A 16 -3.20 -9.48 4.07
C THR A 16 -3.69 -8.42 5.05
N ASP A 17 -4.76 -8.71 5.80
CA ASP A 17 -5.11 -7.88 6.94
C ASP A 17 -5.29 -8.74 8.16
N GLY A 18 -5.68 -8.15 9.29
CA GLY A 18 -5.89 -8.91 10.52
C GLY A 18 -6.95 -10.02 10.48
N VAL A 19 -7.84 -10.00 9.49
CA VAL A 19 -8.81 -11.13 9.32
C VAL A 19 -8.11 -12.41 8.83
N GLY A 20 -6.88 -12.28 8.31
CA GLY A 20 -6.09 -13.46 7.90
C GLY A 20 -6.13 -13.78 6.42
N HIS A 21 -6.91 -13.02 5.65
N HIS A 21 -6.93 -13.03 5.66
CA HIS A 21 -7.01 -13.22 4.21
CA HIS A 21 -7.03 -13.20 4.21
C HIS A 21 -6.35 -12.03 3.49
C HIS A 21 -6.40 -12.00 3.48
N ILE A 22 -6.27 -12.08 2.16
CA ILE A 22 -5.84 -10.92 1.37
C ILE A 22 -6.87 -9.81 1.59
N ASN A 23 -6.38 -8.60 1.87
CA ASN A 23 -7.27 -7.43 2.09
C ASN A 23 -7.88 -6.99 0.76
N ASN A 24 -9.12 -6.51 0.82
CA ASN A 24 -9.86 -6.08 -0.37
C ASN A 24 -9.17 -4.98 -1.22
N THR A 25 -8.40 -4.08 -0.57
CA THR A 25 -7.73 -3.00 -1.29
C THR A 25 -6.55 -3.50 -2.12
N THR A 26 -6.16 -4.75 -1.87
CA THR A 26 -5.09 -5.41 -2.62
C THR A 26 -5.54 -5.79 -4.01
N VAL A 27 -6.80 -6.17 -4.16
CA VAL A 27 -7.31 -6.61 -5.45
C VAL A 27 -7.14 -5.55 -6.59
N PRO A 28 -7.60 -4.30 -6.36
CA PRO A 28 -7.31 -3.33 -7.41
C PRO A 28 -5.82 -3.17 -7.69
N VAL A 29 -4.96 -3.49 -6.70
CA VAL A 29 -3.52 -3.31 -6.89
C VAL A 29 -3.02 -4.41 -7.84
N TRP A 30 -3.54 -5.61 -7.67
CA TRP A 30 -3.20 -6.74 -8.54
C TRP A 30 -3.83 -6.62 -9.95
N PHE A 31 -5.06 -6.12 -10.01
CA PHE A 31 -5.71 -5.78 -11.29
C PHE A 31 -4.92 -4.74 -12.06
N GLU A 32 -4.45 -3.70 -11.38
CA GLU A 32 -3.61 -2.70 -12.08
C GLU A 32 -2.29 -3.32 -12.55
N ALA A 33 -1.72 -4.21 -11.75
CA ALA A 33 -0.52 -4.96 -12.17
C ALA A 33 -0.81 -5.76 -13.48
N GLY A 34 -1.96 -6.42 -13.56
CA GLY A 34 -2.39 -7.14 -14.78
C GLY A 34 -2.61 -6.29 -16.04
N ARG A 35 -2.82 -5.00 -15.86
CA ARG A 35 -2.97 -4.03 -16.99
C ARG A 35 -1.63 -3.58 -17.64
N HIS A 36 -0.51 -4.04 -17.07
CA HIS A 36 0.84 -3.66 -17.52
C HIS A 36 1.05 -3.67 -19.05
N GLU A 37 0.75 -4.80 -19.69
CA GLU A 37 0.89 -4.91 -21.15
C GLU A 37 -0.01 -3.92 -21.93
N ILE A 38 -1.16 -3.61 -21.36
CA ILE A 38 -2.03 -2.62 -21.94
C ILE A 38 -1.39 -1.25 -21.84
N PHE A 39 -0.94 -0.85 -20.65
CA PHE A 39 -0.22 0.41 -20.47
C PHE A 39 0.95 0.50 -21.48
N LYS A 40 1.62 -0.63 -21.68
CA LYS A 40 2.80 -0.64 -22.53
C LYS A 40 2.46 -0.35 -24.00
N LEU A 41 1.24 -0.68 -24.42
CA LEU A 41 0.81 -0.39 -25.80
C LEU A 41 0.63 1.11 -26.09
N PHE A 42 0.18 1.84 -25.06
CA PHE A 42 0.00 3.29 -25.08
C PHE A 42 1.27 4.10 -24.79
N THR A 43 2.15 3.55 -23.95
CA THR A 43 3.40 4.18 -23.59
C THR A 43 4.46 3.09 -23.60
N PRO A 44 5.00 2.77 -24.79
CA PRO A 44 6.05 1.76 -24.98
C PRO A 44 7.24 1.78 -24.03
N ASP A 45 7.81 2.95 -23.73
CA ASP A 45 8.93 3.04 -22.76
C ASP A 45 8.48 3.15 -21.30
N LEU A 46 7.17 3.14 -21.09
CA LEU A 46 6.55 3.27 -19.75
C LEU A 46 6.95 4.51 -18.95
N SER A 47 7.34 5.55 -19.68
CA SER A 47 7.74 6.84 -19.14
C SER A 47 6.52 7.59 -18.63
N PHE A 48 6.61 8.16 -17.43
CA PHE A 48 5.50 8.97 -16.93
C PHE A 48 5.38 10.32 -17.63
N LYS A 49 6.46 10.76 -18.28
CA LYS A 49 6.42 11.89 -19.19
C LYS A 49 5.44 11.71 -20.36
N ARG A 50 5.31 10.47 -20.82
CA ARG A 50 4.49 10.12 -21.95
C ARG A 50 3.31 9.20 -21.58
N TRP A 51 2.80 9.37 -20.36
CA TRP A 51 1.68 8.58 -19.84
C TRP A 51 0.35 9.05 -20.42
N ARG A 52 -0.54 8.10 -20.72
CA ARG A 52 -1.78 8.38 -21.44
C ARG A 52 -3.05 7.80 -20.78
N MSE A 53 -2.86 6.79 -19.93
CA MSE A 53 -3.96 5.98 -19.42
C MSE A 53 -4.49 6.51 -18.11
O MSE A 53 -3.75 6.55 -17.13
CB MSE A 53 -3.47 4.55 -19.21
CG MSE A 53 -3.28 3.77 -20.50
SE MSE A 53 -4.94 2.99 -21.16
CE MSE A 53 -5.56 4.39 -22.33
N VAL A 54 -5.75 6.93 -18.10
CA VAL A 54 -6.44 7.41 -16.92
C VAL A 54 -7.72 6.60 -16.65
N ILE A 55 -7.80 5.95 -15.49
CA ILE A 55 -9.04 5.24 -15.08
C ILE A 55 -10.19 6.19 -14.76
N ILE A 56 -11.39 5.82 -15.21
CA ILE A 56 -12.58 6.61 -14.89
C ILE A 56 -13.62 5.83 -14.07
N ARG A 57 -13.61 4.51 -14.18
CA ARG A 57 -14.51 3.67 -13.38
C ARG A 57 -13.92 2.29 -13.07
N MSE A 58 -14.20 1.75 -11.89
CA MSE A 58 -13.90 0.33 -11.64
C MSE A 58 -15.01 -0.36 -10.84
O MSE A 58 -15.71 0.27 -10.06
CB MSE A 58 -12.58 0.16 -10.90
CG MSE A 58 -12.73 0.28 -9.37
SE MSE A 58 -11.12 -0.27 -8.40
CE MSE A 58 -9.72 0.64 -9.44
N GLU A 59 -15.14 -1.66 -11.05
CA GLU A 59 -16.05 -2.50 -10.27
C GLU A 59 -15.37 -3.82 -9.97
N VAL A 60 -15.59 -4.36 -8.78
CA VAL A 60 -14.96 -5.62 -8.38
C VAL A 60 -15.99 -6.43 -7.63
N ASP A 61 -16.11 -7.70 -8.01
CA ASP A 61 -16.89 -8.68 -7.24
C ASP A 61 -15.89 -9.57 -6.51
N TYR A 62 -16.05 -9.67 -5.19
CA TYR A 62 -15.19 -10.49 -4.34
C TYR A 62 -15.89 -11.83 -4.17
N VAL A 63 -15.43 -12.84 -4.91
CA VAL A 63 -16.18 -14.11 -5.05
C VAL A 63 -15.71 -15.11 -3.99
N ASN A 64 -14.41 -15.19 -3.79
CA ASN A 64 -13.84 -16.13 -2.83
C ASN A 64 -12.65 -15.47 -2.17
N GLN A 65 -12.37 -15.80 -0.92
CA GLN A 65 -11.22 -15.17 -0.27
C GLN A 65 -9.92 -15.75 -0.81
N MSE A 66 -8.88 -14.94 -0.73
CA MSE A 66 -7.57 -15.39 -1.10
C MSE A 66 -6.61 -15.32 0.09
O MSE A 66 -6.89 -14.64 1.08
CB MSE A 66 -7.06 -14.62 -2.31
CG MSE A 66 -7.76 -15.02 -3.60
SE MSE A 66 -7.22 -13.85 -5.09
CE MSE A 66 -8.28 -12.24 -4.57
N TYR A 67 -5.50 -16.02 -0.05
CA TYR A 67 -4.60 -16.27 1.07
C TYR A 67 -3.15 -15.96 0.71
N TYR A 68 -2.40 -15.43 1.67
CA TYR A 68 -0.95 -15.41 1.54
C TYR A 68 -0.44 -16.87 1.49
N GLY A 69 0.57 -17.16 0.66
CA GLY A 69 1.23 -18.49 0.67
C GLY A 69 1.07 -19.34 -0.58
N GLN A 70 0.15 -18.90 -1.45
N GLN A 70 0.19 -18.90 -1.47
CA GLN A 70 -0.13 -19.55 -2.73
CA GLN A 70 -0.02 -19.55 -2.74
C GLN A 70 -0.14 -18.43 -3.77
C GLN A 70 -0.15 -18.46 -3.78
N ASP A 71 0.43 -18.69 -4.95
CA ASP A 71 0.43 -17.70 -6.04
C ASP A 71 -0.99 -17.43 -6.54
N VAL A 72 -1.18 -16.28 -7.18
CA VAL A 72 -2.47 -15.94 -7.81
C VAL A 72 -2.15 -15.58 -9.24
N THR A 73 -3.15 -15.73 -10.11
CA THR A 73 -3.03 -15.37 -11.50
C THR A 73 -4.10 -14.40 -11.89
N VAL A 74 -3.65 -13.30 -12.48
CA VAL A 74 -4.51 -12.25 -13.01
C VAL A 74 -4.66 -12.45 -14.49
N TYR A 75 -5.91 -12.55 -14.94
CA TYR A 75 -6.27 -12.58 -16.36
C TYR A 75 -6.92 -11.27 -16.70
N THR A 76 -6.42 -10.64 -17.76
CA THR A 76 -6.82 -9.29 -18.12
C THR A 76 -7.09 -9.27 -19.60
N GLY A 77 -8.30 -8.88 -19.97
CA GLY A 77 -8.70 -8.84 -21.36
C GLY A 77 -9.44 -7.56 -21.66
N ILE A 78 -9.75 -7.36 -22.93
CA ILE A 78 -10.48 -6.19 -23.39
C ILE A 78 -11.94 -6.57 -23.64
N GLU A 79 -12.87 -5.99 -22.88
CA GLU A 79 -14.30 -6.25 -23.14
C GLU A 79 -14.90 -5.32 -24.20
N ARG A 80 -14.44 -4.08 -24.26
CA ARG A 80 -14.88 -3.15 -25.29
C ARG A 80 -13.75 -2.21 -25.64
N ILE A 81 -13.52 -2.01 -26.94
CA ILE A 81 -12.63 -0.94 -27.40
C ILE A 81 -13.54 0.20 -27.85
N GLY A 82 -13.53 1.30 -27.10
CA GLY A 82 -14.38 2.43 -27.45
C GLY A 82 -13.65 3.38 -28.38
N ASN A 83 -14.09 4.63 -28.44
CA ASN A 83 -13.42 5.62 -29.26
C ASN A 83 -12.15 6.11 -28.60
N THR A 84 -12.28 6.69 -27.40
CA THR A 84 -11.16 7.23 -26.65
C THR A 84 -10.95 6.42 -25.37
N SER A 85 -11.78 5.40 -25.18
CA SER A 85 -11.75 4.58 -23.97
C SER A 85 -11.67 3.11 -24.25
N LEU A 86 -11.38 2.34 -23.21
CA LEU A 86 -11.49 0.91 -23.34
C LEU A 86 -11.98 0.36 -22.02
N THR A 87 -12.74 -0.71 -22.10
CA THR A 87 -13.33 -1.33 -20.93
C THR A 87 -12.65 -2.68 -20.83
N ILE A 88 -11.98 -2.86 -19.69
CA ILE A 88 -11.24 -4.04 -19.39
C ILE A 88 -12.10 -5.01 -18.58
N TYR A 89 -12.04 -6.29 -18.93
CA TYR A 89 -12.58 -7.33 -18.07
C TYR A 89 -11.40 -8.09 -17.45
N GLU A 90 -11.48 -8.41 -16.17
CA GLU A 90 -10.32 -9.01 -15.47
C GLU A 90 -10.76 -9.94 -14.36
N GLU A 91 -9.93 -10.96 -14.09
CA GLU A 91 -10.25 -11.94 -13.05
C GLU A 91 -8.97 -12.28 -12.29
N ILE A 92 -9.12 -12.58 -11.00
CA ILE A 92 -8.00 -13.14 -10.24
C ILE A 92 -8.36 -14.53 -9.75
N HIS A 93 -7.46 -15.49 -10.01
CA HIS A 93 -7.62 -16.87 -9.61
C HIS A 93 -6.55 -17.26 -8.58
N GLN A 94 -6.90 -18.22 -7.73
CA GLN A 94 -5.95 -18.83 -6.80
C GLN A 94 -6.35 -20.29 -6.68
N ASN A 95 -5.37 -21.20 -6.68
CA ASN A 95 -5.70 -22.63 -6.57
C ASN A 95 -6.70 -23.08 -7.65
N GLY A 96 -6.61 -22.46 -8.82
CA GLY A 96 -7.49 -22.79 -9.94
C GLY A 96 -8.95 -22.44 -9.74
N VAL A 97 -9.24 -21.47 -8.87
CA VAL A 97 -10.62 -21.04 -8.59
C VAL A 97 -10.69 -19.51 -8.83
N VAL A 98 -11.75 -19.03 -9.49
CA VAL A 98 -11.93 -17.58 -9.63
C VAL A 98 -12.29 -17.00 -8.26
N CYS A 99 -11.52 -15.99 -7.83
CA CYS A 99 -11.75 -15.41 -6.52
C CYS A 99 -12.21 -13.97 -6.61
N ALA A 100 -11.91 -13.29 -7.72
CA ALA A 100 -12.29 -11.89 -7.91
C ALA A 100 -12.54 -11.63 -9.37
N LYS A 101 -13.60 -10.88 -9.67
CA LYS A 101 -13.93 -10.50 -11.04
C LYS A 101 -14.05 -8.99 -11.07
N GLY A 102 -13.51 -8.36 -12.11
CA GLY A 102 -13.48 -6.92 -12.16
C GLY A 102 -13.77 -6.40 -13.55
N ARG A 103 -14.21 -5.16 -13.60
CA ARG A 103 -14.25 -4.40 -14.83
C ARG A 103 -13.68 -3.01 -14.54
N SER A 104 -12.97 -2.47 -15.52
CA SER A 104 -12.46 -1.10 -15.43
C SER A 104 -12.52 -0.39 -16.77
N VAL A 105 -12.75 0.91 -16.70
CA VAL A 105 -12.83 1.73 -17.92
C VAL A 105 -11.72 2.77 -17.79
N TYR A 106 -10.91 2.85 -18.83
CA TYR A 106 -9.79 3.79 -18.91
C TYR A 106 -10.01 4.70 -20.09
N VAL A 107 -9.52 5.94 -20.01
N VAL A 107 -9.50 5.93 -20.00
CA VAL A 107 -9.53 6.82 -21.16
CA VAL A 107 -9.50 6.88 -21.10
C VAL A 107 -8.09 7.06 -21.60
C VAL A 107 -8.05 7.00 -21.58
N ASN A 108 -7.87 7.02 -22.90
CA ASN A 108 -6.57 7.41 -23.51
C ASN A 108 -6.53 8.94 -23.52
N PHE A 109 -5.80 9.52 -22.57
CA PHE A 109 -5.72 10.95 -22.45
C PHE A 109 -4.39 11.48 -22.99
N ASN A 110 -4.48 12.36 -23.99
CA ASN A 110 -3.33 13.07 -24.54
C ASN A 110 -3.07 14.33 -23.73
N PHE A 111 -2.06 14.25 -22.87
CA PHE A 111 -1.70 15.34 -21.99
C PHE A 111 -1.07 16.48 -22.80
N ASP A 112 -0.36 16.14 -23.89
CA ASP A 112 0.20 17.17 -24.77
C ASP A 112 -0.89 18.05 -25.42
N THR A 113 -1.90 17.43 -25.99
CA THR A 113 -3.01 18.17 -26.60
C THR A 113 -4.09 18.55 -25.58
N GLY A 114 -4.01 18.01 -24.37
CA GLY A 114 -4.99 18.26 -23.33
C GLY A 114 -6.41 17.81 -23.65
N ARG A 115 -6.56 16.66 -24.30
CA ARG A 115 -7.90 16.08 -24.55
C ARG A 115 -7.83 14.54 -24.65
N PRO A 116 -8.96 13.84 -24.42
CA PRO A 116 -9.00 12.41 -24.66
C PRO A 116 -8.77 12.16 -26.14
N GLU A 117 -8.08 11.09 -26.48
CA GLU A 117 -7.56 10.87 -27.81
C GLU A 117 -8.16 9.61 -28.37
N PRO A 118 -8.87 9.71 -29.49
CA PRO A 118 -9.18 8.49 -30.21
C PRO A 118 -7.96 7.57 -30.30
N ILE A 119 -8.11 6.38 -29.74
CA ILE A 119 -7.07 5.38 -29.73
C ILE A 119 -6.50 5.23 -31.14
N PRO A 120 -5.19 5.46 -31.33
CA PRO A 120 -4.66 5.33 -32.70
C PRO A 120 -4.87 3.92 -33.27
N ASP A 121 -4.99 3.83 -34.59
CA ASP A 121 -5.35 2.56 -35.24
C ASP A 121 -4.37 1.41 -34.96
N ASP A 122 -3.06 1.72 -34.95
CA ASP A 122 -2.06 0.69 -34.69
C ASP A 122 -2.37 -0.03 -33.36
N ILE A 123 -2.74 0.76 -32.33
CA ILE A 123 -3.10 0.22 -31.02
C ILE A 123 -4.38 -0.63 -31.08
N ARG A 124 -5.39 -0.16 -31.82
CA ARG A 124 -6.68 -0.86 -31.94
C ARG A 124 -6.48 -2.28 -32.44
N VAL A 125 -5.68 -2.40 -33.50
CA VAL A 125 -5.30 -3.69 -34.05
C VAL A 125 -4.70 -4.59 -32.98
N LYS A 126 -3.74 -4.06 -32.22
CA LYS A 126 -3.09 -4.79 -31.12
C LYS A 126 -4.09 -5.23 -30.03
N LEU A 127 -4.97 -4.31 -29.65
CA LEU A 127 -6.00 -4.56 -28.66
C LEU A 127 -7.02 -5.61 -29.10
N ARG A 128 -7.41 -5.58 -30.37
CA ARG A 128 -8.42 -6.51 -30.93
C ARG A 128 -8.02 -7.98 -30.72
N GLU A 129 -6.72 -8.22 -30.62
CA GLU A 129 -6.23 -9.56 -30.47
C GLU A 129 -6.05 -9.94 -29.00
N HIS A 130 -6.58 -9.10 -28.11
CA HIS A 130 -6.68 -9.46 -26.69
C HIS A 130 -8.10 -9.26 -26.16
N VAL A 131 -9.10 -9.47 -27.02
CA VAL A 131 -10.49 -9.29 -26.61
C VAL A 131 -10.98 -10.50 -25.79
N TRP A 132 -11.66 -10.20 -24.69
CA TRP A 132 -12.21 -11.21 -23.79
C TRP A 132 -13.57 -10.74 -23.29
N GLN A 133 -14.60 -11.47 -23.72
CA GLN A 133 -15.99 -11.14 -23.41
C GLN A 133 -16.69 -12.36 -22.82
N PRO A 134 -16.86 -12.37 -21.48
CA PRO A 134 -17.26 -13.59 -20.76
C PRO A 134 -18.75 -13.88 -20.84
N ASN B 2 -25.99 16.28 6.86
CA ASN B 2 -26.84 15.06 7.00
C ASN B 2 -26.33 14.04 8.05
N ALA B 3 -26.47 12.74 7.73
CA ALA B 3 -26.37 11.63 8.68
C ALA B 3 -25.21 10.70 8.36
N MSE B 4 -24.54 10.94 7.24
CA MSE B 4 -23.37 10.15 6.88
C MSE B 4 -22.19 10.45 7.82
O MSE B 4 -22.22 11.45 8.54
CB MSE B 4 -23.01 10.35 5.40
CG MSE B 4 -22.25 11.60 5.05
SE MSE B 4 -23.29 13.23 5.24
CE MSE B 4 -24.82 12.74 4.09
N PHE B 5 -21.21 9.55 7.85
CA PHE B 5 -20.00 9.75 8.62
C PHE B 5 -19.07 10.63 7.82
N THR B 6 -18.29 11.48 8.49
CA THR B 6 -17.28 12.32 7.86
C THR B 6 -15.90 11.99 8.42
N THR B 7 -14.98 11.68 7.50
CA THR B 7 -13.59 11.35 7.82
C THR B 7 -12.63 12.26 7.02
N VAL B 8 -11.83 13.07 7.70
CA VAL B 8 -10.87 13.95 7.05
C VAL B 8 -9.54 13.20 7.01
N ILE B 9 -8.96 13.15 5.83
CA ILE B 9 -7.71 12.44 5.62
C ILE B 9 -6.67 13.34 4.97
N THR B 10 -5.42 13.24 5.46
CA THR B 10 -4.25 13.86 4.83
C THR B 10 -3.51 12.90 3.87
N PRO B 11 -3.59 13.19 2.56
CA PRO B 11 -2.89 12.39 1.55
C PRO B 11 -1.38 12.30 1.82
N ARG B 12 -0.78 11.19 1.40
CA ARG B 12 0.66 10.93 1.62
C ARG B 12 1.36 10.81 0.29
N VAL B 13 2.66 11.08 0.25
CA VAL B 13 3.40 11.09 -1.00
C VAL B 13 3.29 9.70 -1.62
N SER B 14 3.39 8.65 -0.79
CA SER B 14 3.38 7.29 -1.27
C SER B 14 2.02 6.89 -1.87
N GLU B 15 1.01 7.71 -1.64
CA GLU B 15 -0.29 7.51 -2.22
C GLU B 15 -0.44 8.08 -3.64
N THR B 16 0.54 8.85 -4.10
CA THR B 16 0.49 9.38 -5.45
C THR B 16 1.14 8.35 -6.38
N ASP B 17 1.10 8.59 -7.67
CA ASP B 17 1.92 7.78 -8.57
C ASP B 17 2.72 8.69 -9.52
N GLY B 18 3.47 8.10 -10.43
CA GLY B 18 4.30 8.84 -11.36
C GLY B 18 3.57 9.82 -12.26
N VAL B 19 2.27 9.66 -12.44
CA VAL B 19 1.49 10.63 -13.23
C VAL B 19 1.33 11.95 -12.45
N GLY B 20 1.45 11.88 -11.13
CA GLY B 20 1.51 13.10 -10.31
C GLY B 20 0.27 13.41 -9.52
N HIS B 21 -0.71 12.53 -9.63
N HIS B 21 -0.73 12.53 -9.66
CA HIS B 21 -1.94 12.65 -8.88
CA HIS B 21 -1.97 12.65 -8.90
C HIS B 21 -1.99 11.51 -7.87
C HIS B 21 -2.07 11.43 -7.98
N ILE B 22 -3.05 11.45 -7.08
CA ILE B 22 -3.36 10.29 -6.21
C ILE B 22 -3.69 9.08 -7.09
N ASN B 23 -3.00 7.96 -6.87
CA ASN B 23 -3.17 6.74 -7.65
C ASN B 23 -4.55 6.11 -7.37
N ASN B 24 -5.19 5.52 -8.39
CA ASN B 24 -6.56 4.99 -8.24
C ASN B 24 -6.76 3.95 -7.13
N THR B 25 -5.69 3.22 -6.80
CA THR B 25 -5.75 2.17 -5.77
C THR B 25 -5.83 2.73 -4.36
N THR B 26 -5.58 4.03 -4.24
CA THR B 26 -5.62 4.71 -2.97
C THR B 26 -7.09 4.95 -2.61
N VAL B 27 -7.91 5.20 -3.61
CA VAL B 27 -9.31 5.53 -3.32
C VAL B 27 -10.07 4.44 -2.49
N PRO B 28 -10.03 3.14 -2.90
CA PRO B 28 -10.60 2.11 -2.04
C PRO B 28 -9.97 2.03 -0.62
N VAL B 29 -8.71 2.42 -0.47
CA VAL B 29 -8.07 2.48 0.85
C VAL B 29 -8.72 3.58 1.68
N TRP B 30 -8.96 4.72 1.04
CA TRP B 30 -9.61 5.85 1.72
C TRP B 30 -11.09 5.58 2.04
N PHE B 31 -11.79 4.92 1.13
CA PHE B 31 -13.17 4.48 1.40
C PHE B 31 -13.22 3.52 2.59
N GLU B 32 -12.34 2.53 2.60
CA GLU B 32 -12.29 1.65 3.75
C GLU B 32 -12.04 2.36 5.07
N ALA B 33 -11.16 3.38 5.06
CA ALA B 33 -10.90 4.21 6.21
C ALA B 33 -12.19 4.89 6.66
N GLY B 34 -12.98 5.36 5.70
CA GLY B 34 -14.27 6.01 5.99
C GLY B 34 -15.37 5.07 6.52
N ARG B 35 -15.14 3.76 6.49
CA ARG B 35 -16.12 2.79 7.02
C ARG B 35 -15.89 2.40 8.48
N HIS B 36 -14.86 3.02 9.06
CA HIS B 36 -14.40 2.76 10.41
C HIS B 36 -15.53 2.68 11.44
N GLU B 37 -16.44 3.66 11.42
CA GLU B 37 -17.50 3.69 12.44
C GLU B 37 -18.52 2.57 12.19
N ILE B 38 -18.66 2.16 10.93
CA ILE B 38 -19.53 1.02 10.63
C ILE B 38 -18.92 -0.27 11.17
N PHE B 39 -17.65 -0.52 10.87
CA PHE B 39 -16.96 -1.64 11.46
C PHE B 39 -17.08 -1.74 12.99
N LYS B 40 -16.99 -0.59 13.67
CA LYS B 40 -17.08 -0.49 15.13
C LYS B 40 -18.46 -0.95 15.66
N LEU B 41 -19.50 -0.64 14.89
CA LEU B 41 -20.86 -1.07 15.15
C LEU B 41 -20.95 -2.59 15.20
N PHE B 42 -20.28 -3.26 14.26
CA PHE B 42 -20.21 -4.73 14.23
C PHE B 42 -19.22 -5.39 15.19
N THR B 43 -18.08 -4.72 15.43
CA THR B 43 -17.02 -5.21 16.27
C THR B 43 -16.57 -4.05 17.20
N PRO B 44 -17.32 -3.82 18.28
CA PRO B 44 -17.02 -2.67 19.15
C PRO B 44 -15.56 -2.46 19.60
N ASP B 45 -14.83 -3.53 19.84
CA ASP B 45 -13.43 -3.36 20.28
C ASP B 45 -12.44 -3.42 19.10
N LEU B 46 -12.97 -3.53 17.88
CA LEU B 46 -12.20 -3.63 16.64
C LEU B 46 -11.14 -4.74 16.63
N SER B 47 -11.38 -5.76 17.45
CA SER B 47 -10.57 -6.96 17.54
C SER B 47 -10.77 -7.88 16.33
N PHE B 48 -9.70 -8.37 15.73
CA PHE B 48 -9.83 -9.26 14.57
C PHE B 48 -10.32 -10.66 14.93
N LYS B 49 -10.15 -11.08 16.18
CA LYS B 49 -10.72 -12.35 16.65
C LYS B 49 -12.25 -12.32 16.59
N ARG B 50 -12.84 -11.13 16.66
CA ARG B 50 -14.30 -10.96 16.60
C ARG B 50 -14.77 -10.11 15.37
N TRP B 51 -13.98 -10.16 14.30
CA TRP B 51 -14.31 -9.49 13.05
C TRP B 51 -15.50 -10.14 12.35
N ARG B 52 -16.36 -9.33 11.75
CA ARG B 52 -17.48 -9.92 10.99
C ARG B 52 -17.75 -9.37 9.61
N MSE B 53 -17.12 -8.26 9.24
CA MSE B 53 -17.52 -7.53 8.02
C MSE B 53 -16.71 -8.03 6.86
O MSE B 53 -15.49 -7.93 6.90
CB MSE B 53 -17.28 -6.04 8.21
CG MSE B 53 -18.31 -5.34 9.06
SE MSE B 53 -19.96 -5.13 8.01
CE MSE B 53 -19.88 -3.25 7.61
N VAL B 54 -17.38 -8.60 5.83
CA VAL B 54 -16.72 -9.13 4.65
C VAL B 54 -17.27 -8.42 3.42
N ILE B 55 -16.40 -7.77 2.64
CA ILE B 55 -16.83 -7.03 1.45
C ILE B 55 -17.15 -8.05 0.33
N ILE B 56 -18.26 -7.82 -0.38
CA ILE B 56 -18.56 -8.71 -1.51
C ILE B 56 -18.56 -8.01 -2.88
N ARG B 57 -18.61 -6.69 -2.86
CA ARG B 57 -18.59 -5.96 -4.09
C ARG B 57 -18.31 -4.48 -3.84
N MSE B 58 -17.70 -3.85 -4.83
CA MSE B 58 -17.40 -2.43 -4.77
C MSE B 58 -17.46 -1.86 -6.17
O MSE B 58 -17.14 -2.55 -7.14
CB MSE B 58 -16.01 -2.20 -4.18
CG MSE B 58 -14.94 -1.94 -5.22
SE MSE B 58 -13.25 -1.36 -4.46
CE MSE B 58 -12.10 -2.34 -5.70
N GLU B 59 -17.85 -0.59 -6.26
CA GLU B 59 -17.69 0.17 -7.48
C GLU B 59 -17.26 1.58 -7.16
N VAL B 60 -16.46 2.16 -8.05
CA VAL B 60 -15.91 3.49 -7.84
C VAL B 60 -15.93 4.25 -9.15
N ASP B 61 -16.47 5.45 -9.10
CA ASP B 61 -16.37 6.39 -10.22
C ASP B 61 -15.36 7.45 -9.89
N TYR B 62 -14.40 7.63 -10.81
CA TYR B 62 -13.32 8.58 -10.62
C TYR B 62 -13.73 9.85 -11.34
N VAL B 63 -14.26 10.81 -10.57
CA VAL B 63 -14.89 11.99 -11.15
C VAL B 63 -13.84 13.10 -11.47
N ASN B 64 -12.93 13.37 -10.53
CA ASN B 64 -11.84 14.35 -10.73
C ASN B 64 -10.58 13.85 -10.07
N GLN B 65 -9.45 14.28 -10.59
CA GLN B 65 -8.13 13.87 -10.03
C GLN B 65 -7.92 14.50 -8.66
N MSE B 66 -7.25 13.78 -7.78
CA MSE B 66 -6.89 14.33 -6.48
C MSE B 66 -5.39 14.42 -6.33
O MSE B 66 -4.64 13.66 -6.95
CB MSE B 66 -7.51 13.53 -5.37
CG MSE B 66 -8.98 13.80 -5.25
SE MSE B 66 -9.93 12.76 -3.87
CE MSE B 66 -9.82 11.07 -4.86
N TYR B 67 -4.97 15.34 -5.49
CA TYR B 67 -3.57 15.72 -5.39
C TYR B 67 -3.03 15.66 -3.98
N TYR B 68 -1.75 15.30 -3.87
CA TYR B 68 -1.07 15.40 -2.60
C TYR B 68 -0.99 16.90 -2.30
N GLY B 69 -1.16 17.27 -1.03
CA GLY B 69 -1.00 18.67 -0.64
C GLY B 69 -2.22 19.35 -0.04
N GLN B 70 -3.38 18.75 -0.23
CA GLN B 70 -4.61 19.25 0.40
C GLN B 70 -5.35 18.07 1.00
N ASP B 71 -5.93 18.25 2.18
CA ASP B 71 -6.76 17.18 2.76
C ASP B 71 -7.94 16.80 1.87
N VAL B 72 -8.48 15.63 2.15
CA VAL B 72 -9.68 15.13 1.49
C VAL B 72 -10.69 14.78 2.58
N THR B 73 -11.96 14.74 2.20
CA THR B 73 -13.00 14.35 3.10
C THR B 73 -13.76 13.18 2.50
N VAL B 74 -13.86 12.10 3.28
CA VAL B 74 -14.63 10.93 2.92
C VAL B 74 -15.98 10.98 3.63
N TYR B 75 -17.05 10.87 2.84
CA TYR B 75 -18.41 10.89 3.39
C TYR B 75 -18.95 9.49 3.20
N THR B 76 -19.44 8.86 4.27
CA THR B 76 -19.80 7.43 4.18
C THR B 76 -21.17 7.25 4.81
N GLY B 77 -22.11 6.76 4.03
CA GLY B 77 -23.50 6.63 4.48
C GLY B 77 -24.02 5.24 4.14
N ILE B 78 -25.05 4.82 4.85
CA ILE B 78 -25.74 3.57 4.62
C ILE B 78 -26.82 3.80 3.61
N GLU B 79 -26.72 3.14 2.47
CA GLU B 79 -27.74 3.29 1.46
C GLU B 79 -28.88 2.29 1.69
N ARG B 80 -28.52 1.08 2.13
CA ARG B 80 -29.47 -0.01 2.30
C ARG B 80 -29.05 -0.96 3.42
N ILE B 81 -30.01 -1.37 4.25
CA ILE B 81 -29.77 -2.42 5.24
C ILE B 81 -30.55 -3.65 4.81
N GLY B 82 -29.83 -4.65 4.29
CA GLY B 82 -30.51 -5.86 3.84
C GLY B 82 -30.68 -6.80 5.02
N ASN B 83 -30.71 -8.09 4.74
CA ASN B 83 -30.88 -9.07 5.80
C ASN B 83 -29.51 -9.41 6.40
N THR B 84 -28.61 -9.93 5.57
CA THR B 84 -27.28 -10.33 5.99
C THR B 84 -26.23 -9.35 5.45
N SER B 85 -26.67 -8.40 4.62
CA SER B 85 -25.79 -7.46 3.94
C SER B 85 -26.23 -6.03 4.13
N LEU B 86 -25.33 -5.10 3.78
CA LEU B 86 -25.65 -3.71 3.73
C LEU B 86 -24.90 -3.07 2.52
N THR B 87 -25.49 -2.01 2.00
CA THR B 87 -24.88 -1.23 0.92
C THR B 87 -24.51 0.13 1.45
N ILE B 88 -23.25 0.49 1.24
CA ILE B 88 -22.69 1.77 1.64
C ILE B 88 -22.61 2.66 0.42
N TYR B 89 -23.11 3.89 0.55
CA TYR B 89 -22.81 4.93 -0.45
C TYR B 89 -21.75 5.90 0.10
N GLU B 90 -20.79 6.25 -0.72
CA GLU B 90 -19.64 6.98 -0.21
C GLU B 90 -19.05 7.93 -1.28
N GLU B 91 -18.48 9.04 -0.82
CA GLU B 91 -17.83 10.02 -1.70
C GLU B 91 -16.55 10.56 -1.08
N ILE B 92 -15.62 10.93 -1.95
CA ILE B 92 -14.43 11.68 -1.55
C ILE B 92 -14.39 13.05 -2.23
N HIS B 93 -14.25 14.09 -1.41
CA HIS B 93 -14.16 15.47 -1.87
C HIS B 93 -12.77 16.01 -1.57
N GLN B 94 -12.31 16.90 -2.43
CA GLN B 94 -11.13 17.69 -2.18
C GLN B 94 -11.46 19.09 -2.73
N ASN B 95 -10.98 20.13 -2.06
CA ASN B 95 -11.19 21.53 -2.49
C ASN B 95 -12.68 21.86 -2.75
N GLY B 96 -13.57 21.15 -2.07
CA GLY B 96 -15.00 21.37 -2.22
C GLY B 96 -15.62 20.76 -3.46
N VAL B 97 -14.92 19.81 -4.10
CA VAL B 97 -15.35 19.21 -5.38
C VAL B 97 -15.45 17.71 -5.15
N VAL B 98 -16.55 17.10 -5.59
CA VAL B 98 -16.66 15.66 -5.49
C VAL B 98 -15.66 15.04 -6.45
N CYS B 99 -14.68 14.30 -5.93
CA CYS B 99 -13.69 13.69 -6.83
C CYS B 99 -13.87 12.22 -7.09
N ALA B 100 -14.53 11.51 -6.17
CA ALA B 100 -14.80 10.09 -6.35
C ALA B 100 -16.13 9.75 -5.70
N LYS B 101 -16.87 8.83 -6.33
CA LYS B 101 -18.18 8.37 -5.83
C LYS B 101 -18.12 6.87 -5.81
N GLY B 102 -18.61 6.26 -4.73
CA GLY B 102 -18.47 4.83 -4.53
C GLY B 102 -19.73 4.17 -3.99
N ARG B 103 -19.84 2.88 -4.24
CA ARG B 103 -20.78 2.02 -3.57
C ARG B 103 -20.10 0.74 -3.18
N SER B 104 -20.40 0.23 -1.98
CA SER B 104 -19.87 -1.07 -1.60
C SER B 104 -20.91 -1.92 -0.86
N VAL B 105 -20.74 -3.23 -0.98
CA VAL B 105 -21.66 -4.14 -0.31
C VAL B 105 -20.86 -5.05 0.61
N TYR B 106 -21.24 -5.06 1.89
CA TYR B 106 -20.66 -5.93 2.89
C TYR B 106 -21.67 -6.97 3.38
N VAL B 107 -21.16 -8.15 3.77
N VAL B 107 -21.14 -8.13 3.81
CA VAL B 107 -21.98 -9.10 4.52
CA VAL B 107 -21.90 -9.18 4.49
C VAL B 107 -21.49 -9.26 5.97
C VAL B 107 -21.49 -9.25 5.97
N ASN B 108 -22.46 -9.49 6.86
CA ASN B 108 -22.21 -9.73 8.25
C ASN B 108 -21.90 -11.23 8.33
N PHE B 109 -20.63 -11.58 8.43
CA PHE B 109 -20.26 -12.97 8.36
C PHE B 109 -19.92 -13.40 9.74
N ASN B 110 -20.67 -14.37 10.25
CA ASN B 110 -20.41 -14.88 11.58
C ASN B 110 -19.38 -15.98 11.47
N PHE B 111 -18.11 -15.64 11.74
CA PHE B 111 -16.99 -16.58 11.68
C PHE B 111 -17.10 -17.70 12.74
N ASP B 112 -18.00 -17.54 13.72
CA ASP B 112 -18.24 -18.56 14.77
C ASP B 112 -19.18 -19.69 14.32
N THR B 113 -20.27 -19.29 13.66
CA THR B 113 -21.27 -20.22 13.12
C THR B 113 -20.95 -20.58 11.66
N GLY B 114 -19.95 -19.92 11.10
CA GLY B 114 -19.41 -20.28 9.79
C GLY B 114 -20.15 -19.75 8.58
N ARG B 115 -21.27 -19.06 8.80
CA ARG B 115 -22.06 -18.53 7.69
C ARG B 115 -22.51 -17.06 7.90
N PRO B 116 -23.10 -16.44 6.86
CA PRO B 116 -23.63 -15.08 7.04
C PRO B 116 -24.69 -15.00 8.12
N GLU B 117 -24.68 -13.91 8.87
CA GLU B 117 -25.59 -13.70 9.97
C GLU B 117 -26.53 -12.55 9.63
N PRO B 118 -27.86 -12.76 9.74
CA PRO B 118 -28.70 -11.56 9.63
C PRO B 118 -28.22 -10.53 10.64
N ILE B 119 -28.22 -9.28 10.22
CA ILE B 119 -27.74 -8.19 11.05
C ILE B 119 -28.64 -8.15 12.29
N PRO B 120 -28.02 -8.23 13.49
CA PRO B 120 -28.77 -8.23 14.75
C PRO B 120 -29.59 -6.96 14.88
N ASP B 121 -30.72 -7.04 15.59
CA ASP B 121 -31.66 -5.93 15.66
C ASP B 121 -31.03 -4.65 16.18
N ASP B 122 -30.08 -4.79 17.11
CA ASP B 122 -29.45 -3.64 17.76
C ASP B 122 -28.53 -2.83 16.82
N ILE B 123 -27.77 -3.53 15.99
CA ILE B 123 -26.96 -2.90 14.96
C ILE B 123 -27.87 -2.23 13.91
N ARG B 124 -28.95 -2.92 13.51
CA ARG B 124 -29.89 -2.43 12.51
C ARG B 124 -30.41 -1.05 12.93
N VAL B 125 -30.85 -0.91 14.19
CA VAL B 125 -31.35 0.36 14.72
C VAL B 125 -30.27 1.46 14.68
N LYS B 126 -29.05 1.13 15.08
CA LYS B 126 -27.93 2.08 15.07
C LYS B 126 -27.49 2.43 13.63
N LEU B 127 -27.42 1.45 12.73
CA LEU B 127 -27.13 1.75 11.31
C LEU B 127 -28.16 2.74 10.71
N ARG B 128 -29.39 2.66 11.19
CA ARG B 128 -30.46 3.50 10.65
C ARG B 128 -30.18 4.99 10.94
N GLU B 129 -29.29 5.26 11.90
CA GLU B 129 -28.92 6.63 12.29
C GLU B 129 -28.05 7.28 11.24
N HIS B 130 -27.56 6.49 10.28
CA HIS B 130 -26.53 6.98 9.35
C HIS B 130 -26.84 6.67 7.91
N VAL B 131 -28.13 6.65 7.56
CA VAL B 131 -28.51 6.40 6.17
C VAL B 131 -28.39 7.64 5.28
N TRP B 132 -28.02 7.40 4.04
CA TRP B 132 -27.78 8.42 3.04
C TRP B 132 -28.00 7.74 1.71
N GLN B 133 -29.09 8.08 1.03
CA GLN B 133 -29.30 7.65 -0.37
C GLN B 133 -29.30 8.86 -1.30
N PRO B 134 -28.35 8.89 -2.25
CA PRO B 134 -28.14 10.06 -3.11
C PRO B 134 -29.32 10.27 -4.06
N ALA C 3 9.41 22.70 18.69
CA ALA C 3 10.27 22.40 17.49
C ALA C 3 9.83 21.21 16.62
N MSE C 4 9.41 20.11 17.25
CA MSE C 4 8.96 18.91 16.51
C MSE C 4 7.57 19.08 15.93
O MSE C 4 6.73 19.85 16.45
CB MSE C 4 8.96 17.71 17.45
CG MSE C 4 8.42 18.07 18.84
SE MSE C 4 8.00 16.46 19.84
CE MSE C 4 6.51 17.17 20.94
N PHE C 5 7.31 18.37 14.83
CA PHE C 5 5.96 18.30 14.29
C PHE C 5 5.22 17.15 14.95
N THR C 6 3.89 17.26 15.01
CA THR C 6 3.05 16.25 15.62
C THR C 6 1.90 15.97 14.66
N THR C 7 1.77 14.71 14.28
CA THR C 7 0.81 14.25 13.27
C THR C 7 0.04 13.07 13.85
N VAL C 8 -1.28 13.21 13.96
CA VAL C 8 -2.13 12.14 14.45
C VAL C 8 -2.74 11.40 13.26
N ILE C 9 -2.64 10.07 13.31
CA ILE C 9 -3.09 9.20 12.25
C ILE C 9 -4.05 8.15 12.83
N THR C 10 -5.12 7.89 12.08
CA THR C 10 -6.05 6.81 12.38
C THR C 10 -5.65 5.62 11.52
N PRO C 11 -5.20 4.53 12.17
CA PRO C 11 -4.86 3.30 11.47
C PRO C 11 -6.04 2.74 10.68
N ARG C 12 -5.71 2.01 9.60
CA ARG C 12 -6.69 1.45 8.67
C ARG C 12 -6.56 -0.05 8.71
N VAL C 13 -7.65 -0.76 8.42
CA VAL C 13 -7.66 -2.24 8.37
C VAL C 13 -6.57 -2.72 7.40
N SER C 14 -6.45 -2.04 6.26
CA SER C 14 -5.51 -2.43 5.23
C SER C 14 -4.04 -2.30 5.68
N GLU C 15 -3.81 -1.65 6.82
CA GLU C 15 -2.44 -1.48 7.33
C GLU C 15 -2.02 -2.58 8.33
N THR C 16 -2.90 -3.51 8.63
CA THR C 16 -2.55 -4.65 9.47
C THR C 16 -2.06 -5.77 8.55
N ASP C 17 -1.64 -6.91 9.12
CA ASP C 17 -1.45 -8.13 8.34
C ASP C 17 -2.11 -9.27 9.12
N GLY C 18 -2.00 -10.49 8.61
CA GLY C 18 -2.67 -11.64 9.24
C GLY C 18 -2.29 -11.95 10.68
N VAL C 19 -1.17 -11.41 11.17
CA VAL C 19 -0.73 -11.67 12.54
C VAL C 19 -1.67 -10.92 13.51
N GLY C 20 -2.32 -9.88 12.97
CA GLY C 20 -3.35 -9.17 13.73
C GLY C 20 -2.95 -7.79 14.18
N HIS C 21 -1.70 -7.44 13.94
CA HIS C 21 -1.20 -6.13 14.29
C HIS C 21 -0.85 -5.35 13.01
N ILE C 22 -0.46 -4.08 13.19
CA ILE C 22 0.01 -3.23 12.10
C ILE C 22 1.25 -3.87 11.49
N ASN C 23 1.28 -3.94 10.16
CA ASN C 23 2.42 -4.54 9.44
C ASN C 23 3.60 -3.59 9.49
N ASN C 24 4.80 -4.16 9.59
CA ASN C 24 6.02 -3.38 9.66
C ASN C 24 6.19 -2.41 8.50
N THR C 25 5.63 -2.74 7.32
CA THR C 25 5.84 -1.85 6.18
C THR C 25 4.97 -0.60 6.28
N THR C 26 4.00 -0.60 7.20
CA THR C 26 3.18 0.60 7.43
C THR C 26 3.97 1.67 8.17
N VAL C 27 4.93 1.24 8.98
CA VAL C 27 5.62 2.23 9.82
C VAL C 27 6.38 3.31 9.00
N PRO C 28 7.16 2.90 7.97
CA PRO C 28 7.73 3.91 7.05
C PRO C 28 6.71 4.77 6.32
N VAL C 29 5.50 4.25 6.07
CA VAL C 29 4.44 5.03 5.43
C VAL C 29 3.98 6.09 6.43
N TRP C 30 3.83 5.72 7.68
CA TRP C 30 3.45 6.67 8.73
C TRP C 30 4.55 7.70 9.04
N PHE C 31 5.79 7.24 9.09
CA PHE C 31 6.92 8.17 9.18
C PHE C 31 6.95 9.18 8.01
N GLU C 32 6.73 8.72 6.78
CA GLU C 32 6.71 9.67 5.66
C GLU C 32 5.58 10.71 5.78
N ALA C 33 4.44 10.30 6.33
CA ALA C 33 3.38 11.25 6.60
C ALA C 33 3.77 12.31 7.65
N GLY C 34 4.56 11.94 8.65
CA GLY C 34 4.98 12.87 9.69
C GLY C 34 5.98 13.88 9.16
N ARG C 35 6.61 13.56 8.03
CA ARG C 35 7.56 14.44 7.37
C ARG C 35 6.96 15.52 6.49
N HIS C 36 5.63 15.50 6.35
CA HIS C 36 4.85 16.37 5.46
C HIS C 36 5.25 17.83 5.58
N GLU C 37 5.29 18.34 6.80
CA GLU C 37 5.63 19.75 7.02
C GLU C 37 7.09 20.05 6.71
N ILE C 38 7.96 19.04 6.82
CA ILE C 38 9.36 19.20 6.40
C ILE C 38 9.45 19.29 4.88
N PHE C 39 8.75 18.41 4.16
CA PHE C 39 8.65 18.52 2.72
C PHE C 39 8.20 19.94 2.33
N LYS C 40 7.27 20.50 3.12
CA LYS C 40 6.69 21.81 2.82
C LYS C 40 7.72 22.94 2.97
N LEU C 41 8.67 22.74 3.89
CA LEU C 41 9.77 23.69 4.10
C LEU C 41 10.66 23.77 2.85
N PHE C 42 10.95 22.61 2.27
CA PHE C 42 11.65 22.50 0.99
C PHE C 42 10.83 22.97 -0.20
N THR C 43 9.54 22.62 -0.22
CA THR C 43 8.73 22.79 -1.41
C THR C 43 7.36 23.25 -0.93
N PRO C 44 7.18 24.57 -0.69
CA PRO C 44 5.95 25.11 -0.08
C PRO C 44 4.61 24.61 -0.62
N ASP C 45 4.48 24.50 -1.94
CA ASP C 45 3.22 24.07 -2.52
C ASP C 45 3.16 22.60 -2.88
N LEU C 46 4.20 21.86 -2.49
CA LEU C 46 4.26 20.40 -2.65
C LEU C 46 4.06 19.93 -4.08
N SER C 47 4.53 20.76 -5.02
CA SER C 47 4.44 20.47 -6.44
C SER C 47 5.54 19.45 -6.77
N PHE C 48 5.22 18.41 -7.52
CA PHE C 48 6.22 17.41 -7.88
C PHE C 48 7.18 17.90 -8.92
N LYS C 49 6.76 18.92 -9.66
CA LYS C 49 7.60 19.60 -10.63
C LYS C 49 8.76 20.26 -9.93
N ARG C 50 8.56 20.66 -8.69
CA ARG C 50 9.62 21.31 -7.95
C ARG C 50 10.13 20.51 -6.73
N TRP C 51 9.96 19.19 -6.76
CA TRP C 51 10.42 18.33 -5.68
C TRP C 51 11.95 18.38 -5.55
N ARG C 52 12.43 18.25 -4.31
CA ARG C 52 13.86 18.34 -3.97
C ARG C 52 14.30 17.15 -3.13
N MSE C 53 13.42 16.54 -2.37
CA MSE C 53 13.96 15.56 -1.47
C MSE C 53 13.94 14.12 -1.86
O MSE C 53 12.92 13.58 -2.26
CB MSE C 53 13.46 15.74 -0.08
CG MSE C 53 14.51 16.46 0.74
SE MSE C 53 13.50 16.93 2.22
CE MSE C 53 11.88 17.45 1.25
N VAL C 54 15.12 13.52 -1.70
CA VAL C 54 15.38 12.13 -2.02
C VAL C 54 15.96 11.50 -0.75
N ILE C 55 15.37 10.37 -0.33
CA ILE C 55 15.86 9.65 0.82
C ILE C 55 17.13 8.87 0.44
N ILE C 56 18.10 8.82 1.36
CA ILE C 56 19.33 8.05 1.10
C ILE C 56 19.50 6.93 2.14
N ARG C 57 18.92 7.13 3.32
CA ARG C 57 19.03 6.15 4.40
C ARG C 57 17.82 6.19 5.33
N MSE C 58 17.40 5.00 5.78
CA MSE C 58 16.32 4.91 6.77
C MSE C 58 16.65 3.81 7.79
O MSE C 58 17.19 2.75 7.42
CB MSE C 58 15.02 4.63 6.04
CG MSE C 58 13.82 4.33 6.87
SE MSE C 58 12.50 3.22 5.84
CE MSE C 58 11.95 4.59 4.50
N GLU C 59 16.34 4.05 9.05
CA GLU C 59 16.35 2.98 10.06
C GLU C 59 15.14 3.03 10.98
N VAL C 60 14.65 1.85 11.32
CA VAL C 60 13.46 1.77 12.16
C VAL C 60 13.73 0.77 13.25
N ASP C 61 13.48 1.19 14.49
CA ASP C 61 13.39 0.27 15.63
C ASP C 61 11.93 0.03 15.98
N TYR C 62 11.49 -1.22 15.92
CA TYR C 62 10.12 -1.58 16.28
C TYR C 62 10.13 -1.97 17.76
N VAL C 63 9.55 -1.12 18.60
CA VAL C 63 9.69 -1.25 20.05
C VAL C 63 8.52 -2.02 20.67
N ASN C 64 7.30 -1.61 20.33
CA ASN C 64 6.08 -2.34 20.69
C ASN C 64 5.14 -2.46 19.50
N GLN C 65 4.33 -3.54 19.47
CA GLN C 65 3.35 -3.75 18.39
C GLN C 65 2.25 -2.70 18.45
N MSE C 66 1.73 -2.32 17.30
CA MSE C 66 0.63 -1.37 17.25
C MSE C 66 -0.59 -2.03 16.65
O MSE C 66 -0.46 -3.00 15.91
CB MSE C 66 1.04 -0.13 16.47
CG MSE C 66 1.89 0.80 17.29
SE MSE C 66 2.39 2.45 16.35
CE MSE C 66 3.72 1.54 15.21
N TYR C 67 -1.77 -1.50 16.97
CA TYR C 67 -3.01 -2.15 16.60
C TYR C 67 -3.93 -1.17 15.86
N TYR C 68 -4.71 -1.72 14.96
CA TYR C 68 -5.89 -1.08 14.41
C TYR C 68 -6.88 -0.76 15.52
N GLY C 69 -7.48 0.42 15.47
CA GLY C 69 -8.56 0.73 16.37
C GLY C 69 -8.31 1.83 17.40
N GLN C 70 -7.06 2.26 17.49
CA GLN C 70 -6.69 3.38 18.37
C GLN C 70 -5.75 4.25 17.54
N ASP C 71 -5.87 5.59 17.65
CA ASP C 71 -5.00 6.49 16.89
C ASP C 71 -3.56 6.38 17.33
N VAL C 72 -2.66 6.77 16.44
CA VAL C 72 -1.24 6.79 16.72
C VAL C 72 -0.80 8.21 16.49
N THR C 73 0.25 8.65 17.19
CA THR C 73 0.84 9.95 16.92
C THR C 73 2.29 9.89 16.50
N VAL C 74 2.56 10.56 15.40
CA VAL C 74 3.91 10.69 14.86
C VAL C 74 4.53 12.02 15.26
N TYR C 75 5.69 11.93 15.92
CA TYR C 75 6.56 13.05 16.26
C TYR C 75 7.78 13.02 15.37
N THR C 76 8.05 14.13 14.70
CA THR C 76 9.08 14.23 13.67
C THR C 76 9.83 15.55 13.86
N GLY C 77 11.15 15.50 13.90
CA GLY C 77 11.98 16.68 14.03
C GLY C 77 13.27 16.47 13.28
N ILE C 78 14.02 17.54 13.12
CA ILE C 78 15.30 17.50 12.43
C ILE C 78 16.44 17.33 13.43
N GLU C 79 17.17 16.23 13.25
CA GLU C 79 18.26 15.90 14.18
C GLU C 79 19.60 16.56 13.80
N ARG C 80 19.84 16.76 12.52
CA ARG C 80 21.05 17.44 12.07
C ARG C 80 20.85 17.98 10.66
N ILE C 81 21.41 19.15 10.40
CA ILE C 81 21.36 19.76 9.07
C ILE C 81 22.80 19.74 8.57
N GLY C 82 23.03 18.92 7.53
CA GLY C 82 24.34 18.84 6.91
C GLY C 82 24.36 19.86 5.78
N ASN C 83 25.29 19.68 4.85
CA ASN C 83 25.44 20.56 3.71
C ASN C 83 24.35 20.29 2.66
N THR C 84 24.30 19.05 2.19
CA THR C 84 23.32 18.64 1.19
C THR C 84 22.20 17.77 1.81
N SER C 85 22.36 17.38 3.08
CA SER C 85 21.49 16.41 3.70
C SER C 85 20.96 16.88 5.07
N LEU C 86 19.93 16.19 5.54
CA LEU C 86 19.45 16.41 6.88
C LEU C 86 19.01 15.08 7.41
N THR C 87 19.18 14.91 8.71
CA THR C 87 18.77 13.72 9.41
C THR C 87 17.53 14.08 10.22
N ILE C 88 16.51 13.26 10.02
CA ILE C 88 15.26 13.37 10.67
C ILE C 88 15.15 12.28 11.75
N TYR C 89 14.72 12.70 12.93
CA TYR C 89 14.44 11.80 14.02
C TYR C 89 12.92 11.79 14.23
N GLU C 90 12.38 10.60 14.44
CA GLU C 90 10.94 10.40 14.44
C GLU C 90 10.54 9.28 15.40
N GLU C 91 9.36 9.40 16.00
CA GLU C 91 8.84 8.38 16.89
C GLU C 91 7.38 8.19 16.58
N ILE C 92 6.84 7.00 16.84
CA ILE C 92 5.40 6.79 16.76
C ILE C 92 4.90 6.22 18.07
N HIS C 93 3.86 6.89 18.59
CA HIS C 93 3.24 6.60 19.88
C HIS C 93 1.83 6.05 19.67
N GLN C 94 1.44 5.08 20.49
CA GLN C 94 0.06 4.64 20.59
C GLN C 94 -0.26 4.33 22.06
N ASN C 95 -1.43 4.75 22.51
CA ASN C 95 -1.86 4.52 23.91
C ASN C 95 -0.86 5.11 24.87
N GLY C 96 -0.27 6.24 24.48
CA GLY C 96 0.71 6.94 25.31
C GLY C 96 2.08 6.29 25.40
N VAL C 97 2.34 5.28 24.57
CA VAL C 97 3.57 4.48 24.68
C VAL C 97 4.30 4.57 23.36
N VAL C 98 5.61 4.88 23.40
CA VAL C 98 6.41 4.84 22.16
C VAL C 98 6.47 3.41 21.58
N CYS C 99 6.05 3.25 20.32
CA CYS C 99 6.08 1.94 19.69
C CYS C 99 7.08 1.74 18.55
N ALA C 100 7.58 2.84 17.98
CA ALA C 100 8.62 2.80 16.94
C ALA C 100 9.43 4.08 16.98
N LYS C 101 10.71 3.94 16.69
CA LYS C 101 11.68 5.06 16.66
C LYS C 101 12.37 4.95 15.32
N GLY C 102 12.65 6.09 14.67
CA GLY C 102 13.20 6.07 13.32
C GLY C 102 14.20 7.19 13.13
N ARG C 103 15.12 6.97 12.21
CA ARG C 103 16.06 7.99 11.81
C ARG C 103 16.12 7.88 10.31
N SER C 104 15.90 8.98 9.61
CA SER C 104 16.03 8.97 8.15
C SER C 104 16.92 10.10 7.67
N VAL C 105 17.64 9.84 6.58
CA VAL C 105 18.50 10.84 5.93
C VAL C 105 18.02 11.15 4.51
N TYR C 106 17.71 12.41 4.27
CA TYR C 106 17.34 12.87 2.92
C TYR C 106 18.42 13.78 2.40
N VAL C 107 18.55 13.88 1.09
CA VAL C 107 19.34 14.92 0.46
C VAL C 107 18.46 15.85 -0.36
N ASN C 108 18.89 17.10 -0.49
CA ASN C 108 18.34 18.05 -1.44
C ASN C 108 18.91 17.69 -2.81
N PHE C 109 18.06 17.33 -3.75
CA PHE C 109 18.48 16.69 -5.00
C PHE C 109 18.05 17.58 -6.14
N ASN C 110 18.91 17.76 -7.13
CA ASN C 110 18.54 18.52 -8.33
C ASN C 110 18.30 17.48 -9.40
N PHE C 111 17.06 17.42 -9.88
CA PHE C 111 16.68 16.43 -10.90
C PHE C 111 17.09 16.92 -12.29
N ASP C 112 17.13 18.25 -12.44
CA ASP C 112 17.62 18.90 -13.67
C ASP C 112 19.10 18.57 -13.90
N THR C 113 19.87 18.43 -12.82
CA THR C 113 21.30 18.09 -12.93
C THR C 113 21.61 16.68 -12.43
N GLY C 114 20.62 16.03 -11.81
CA GLY C 114 20.73 14.63 -11.35
C GLY C 114 21.74 14.39 -10.24
N ARG C 115 21.87 15.34 -9.30
CA ARG C 115 22.87 15.29 -8.21
C ARG C 115 22.31 15.91 -6.93
N PRO C 116 22.74 15.43 -5.74
CA PRO C 116 22.42 16.15 -4.49
C PRO C 116 23.12 17.51 -4.51
N GLU C 117 22.54 18.52 -3.85
CA GLU C 117 23.15 19.84 -3.84
C GLU C 117 22.97 20.51 -2.48
N PRO C 118 23.87 21.45 -2.13
CA PRO C 118 23.71 22.15 -0.86
C PRO C 118 22.28 22.69 -0.65
N ILE C 119 21.76 22.47 0.54
CA ILE C 119 20.50 23.07 0.94
C ILE C 119 20.68 24.58 0.86
N PRO C 120 19.79 25.29 0.13
CA PRO C 120 19.94 26.74 0.10
C PRO C 120 19.66 27.47 1.42
N ASP C 121 20.28 28.63 1.59
CA ASP C 121 20.18 29.43 2.82
C ASP C 121 18.74 29.64 3.26
N ASP C 122 17.85 29.94 2.31
CA ASP C 122 16.46 30.26 2.63
C ASP C 122 15.68 29.04 3.15
N ILE C 123 16.06 27.84 2.74
CA ILE C 123 15.49 26.65 3.34
C ILE C 123 16.14 26.36 4.71
N ARG C 124 17.47 26.41 4.78
CA ARG C 124 18.23 26.18 6.01
C ARG C 124 17.67 26.99 7.19
N VAL C 125 17.41 28.27 6.93
CA VAL C 125 16.76 29.17 7.85
C VAL C 125 15.45 28.58 8.39
N LYS C 126 14.63 27.99 7.52
CA LYS C 126 13.38 27.35 7.95
C LYS C 126 13.58 26.10 8.80
N LEU C 127 14.58 25.28 8.44
CA LEU C 127 14.87 23.99 9.11
C LEU C 127 15.36 24.12 10.57
N ARG C 128 16.18 25.14 10.81
CA ARG C 128 16.75 25.43 12.12
C ARG C 128 15.70 25.58 13.22
N GLU C 129 14.46 25.84 12.82
CA GLU C 129 13.40 26.07 13.79
C GLU C 129 12.72 24.78 14.20
N HIS C 130 13.12 23.67 13.58
CA HIS C 130 12.49 22.40 13.85
C HIS C 130 13.54 21.37 14.20
N VAL C 131 14.58 21.85 14.87
CA VAL C 131 15.63 20.98 15.38
C VAL C 131 15.17 20.24 16.65
N TRP C 132 15.21 18.91 16.59
CA TRP C 132 14.84 18.05 17.71
C TRP C 132 15.85 16.92 17.88
N GLN C 133 16.60 16.97 18.99
CA GLN C 133 17.69 16.03 19.21
C GLN C 133 17.57 15.32 20.57
N PRO C 134 16.70 14.30 20.67
CA PRO C 134 16.41 13.64 21.95
C PRO C 134 17.60 12.85 22.53
N GLY C 135 17.57 12.66 23.87
CA GLY C 135 18.62 11.93 24.58
C GLY C 135 19.37 10.90 23.75
N ALA D 3 23.28 -20.13 -1.72
CA ALA D 3 22.99 -19.83 -0.29
C ALA D 3 21.81 -18.87 -0.19
N MSE D 4 21.92 -17.73 -0.86
CA MSE D 4 20.91 -16.67 -0.82
C MSE D 4 19.66 -17.00 -1.63
O MSE D 4 19.69 -17.84 -2.52
CB MSE D 4 21.54 -15.42 -1.39
CG MSE D 4 22.64 -15.75 -2.40
SE MSE D 4 22.65 -14.48 -3.85
CE MSE D 4 22.19 -15.68 -5.35
N PHE D 5 18.56 -16.33 -1.29
CA PHE D 5 17.34 -16.44 -2.08
C PHE D 5 17.32 -15.35 -3.14
N THR D 6 16.69 -15.67 -4.26
CA THR D 6 16.51 -14.73 -5.35
C THR D 6 15.01 -14.60 -5.67
N THR D 7 14.51 -13.36 -5.71
CA THR D 7 13.10 -13.09 -5.90
C THR D 7 12.95 -11.98 -6.93
N VAL D 8 12.40 -12.31 -8.10
CA VAL D 8 12.16 -11.35 -9.17
C VAL D 8 10.77 -10.74 -9.03
N ILE D 9 10.70 -9.42 -9.07
CA ILE D 9 9.44 -8.72 -8.84
C ILE D 9 9.20 -7.78 -10.00
N THR D 10 7.93 -7.62 -10.42
CA THR D 10 7.56 -6.65 -11.44
C THR D 10 6.96 -5.39 -10.75
N PRO D 11 7.70 -4.26 -10.78
CA PRO D 11 7.14 -3.04 -10.18
C PRO D 11 5.74 -2.65 -10.74
N ARG D 12 4.95 -1.96 -9.93
CA ARG D 12 3.59 -1.59 -10.25
C ARG D 12 3.47 -0.07 -10.27
N VAL D 13 2.50 0.45 -10.99
CA VAL D 13 2.38 1.92 -11.13
C VAL D 13 2.15 2.48 -9.75
N SER D 14 1.29 1.81 -8.96
CA SER D 14 0.95 2.21 -7.60
C SER D 14 2.15 2.25 -6.68
N GLU D 15 3.25 1.57 -7.04
CA GLU D 15 4.49 1.66 -6.24
C GLU D 15 5.40 2.89 -6.51
N THR D 16 5.08 3.70 -7.51
CA THR D 16 5.86 4.90 -7.81
C THR D 16 5.23 6.01 -7.00
N ASP D 17 5.82 7.20 -7.05
CA ASP D 17 5.16 8.41 -6.57
C ASP D 17 5.29 9.55 -7.64
N GLY D 18 4.79 10.73 -7.29
CA GLY D 18 4.76 11.87 -8.20
C GLY D 18 6.12 12.40 -8.61
N VAL D 19 7.17 11.97 -7.90
CA VAL D 19 8.53 12.31 -8.30
C VAL D 19 8.95 11.52 -9.55
N GLY D 20 8.27 10.39 -9.80
CA GLY D 20 8.48 9.61 -11.01
C GLY D 20 9.30 8.33 -10.85
N HIS D 21 9.80 8.11 -9.64
N HIS D 21 9.80 8.10 -9.65
CA HIS D 21 10.55 6.90 -9.29
CA HIS D 21 10.58 6.90 -9.30
C HIS D 21 9.74 6.01 -8.34
C HIS D 21 9.76 6.02 -8.34
N ILE D 22 10.27 4.82 -8.05
CA ILE D 22 9.68 3.95 -7.01
C ILE D 22 9.76 4.65 -5.64
N ASN D 23 8.67 4.66 -4.87
CA ASN D 23 8.60 5.47 -3.62
C ASN D 23 9.39 4.70 -2.56
N ASN D 24 10.04 5.42 -1.62
CA ASN D 24 10.86 4.76 -0.60
C ASN D 24 10.14 3.69 0.22
N THR D 25 8.85 3.87 0.46
CA THR D 25 8.09 2.90 1.29
C THR D 25 7.84 1.55 0.57
N THR D 26 8.08 1.52 -0.73
CA THR D 26 7.97 0.30 -1.52
C THR D 26 9.12 -0.65 -1.23
N VAL D 27 10.26 -0.07 -0.88
CA VAL D 27 11.45 -0.86 -0.72
C VAL D 27 11.34 -1.93 0.40
N PRO D 28 10.85 -1.57 1.58
CA PRO D 28 10.56 -2.55 2.63
C PRO D 28 9.48 -3.58 2.28
N VAL D 29 8.53 -3.19 1.44
CA VAL D 29 7.50 -4.10 0.98
C VAL D 29 8.19 -5.19 0.11
N TRP D 30 9.11 -4.75 -0.76
CA TRP D 30 9.85 -5.67 -1.62
C TRP D 30 10.83 -6.53 -0.82
N PHE D 31 11.50 -5.94 0.17
CA PHE D 31 12.38 -6.73 1.05
C PHE D 31 11.56 -7.79 1.77
N GLU D 32 10.41 -7.41 2.31
CA GLU D 32 9.56 -8.40 3.01
C GLU D 32 9.18 -9.53 2.05
N ALA D 33 8.89 -9.18 0.78
CA ALA D 33 8.59 -10.21 -0.20
C ALA D 33 9.78 -11.16 -0.42
N GLY D 34 11.01 -10.67 -0.33
CA GLY D 34 12.17 -11.55 -0.55
C GLY D 34 12.44 -12.46 0.63
N ARG D 35 11.75 -12.22 1.74
CA ARG D 35 11.91 -13.00 2.95
C ARG D 35 10.99 -14.22 2.99
N HIS D 36 10.17 -14.34 1.94
CA HIS D 36 9.12 -15.35 1.87
C HIS D 36 9.63 -16.74 2.22
N GLU D 37 10.74 -17.14 1.58
CA GLU D 37 11.28 -18.47 1.78
C GLU D 37 11.84 -18.60 3.20
N ILE D 38 12.21 -17.48 3.84
CA ILE D 38 12.63 -17.53 5.26
C ILE D 38 11.45 -17.81 6.18
N PHE D 39 10.36 -17.07 5.95
CA PHE D 39 9.12 -17.25 6.70
C PHE D 39 8.67 -18.72 6.61
N LYS D 40 8.83 -19.30 5.44
CA LYS D 40 8.48 -20.69 5.19
C LYS D 40 9.32 -21.69 5.99
N LEU D 41 10.59 -21.36 6.23
CA LEU D 41 11.45 -22.19 7.11
C LEU D 41 10.91 -22.19 8.53
N PHE D 42 10.35 -21.04 8.97
CA PHE D 42 9.76 -20.91 10.31
C PHE D 42 8.36 -21.49 10.40
N THR D 43 7.57 -21.31 9.34
CA THR D 43 6.17 -21.70 9.34
C THR D 43 5.89 -22.34 7.99
N PRO D 44 6.20 -23.63 7.84
CA PRO D 44 6.17 -24.27 6.52
C PRO D 44 4.88 -24.10 5.69
N ASP D 45 3.71 -24.12 6.31
CA ASP D 45 2.46 -23.91 5.58
C ASP D 45 2.04 -22.42 5.52
N LEU D 46 2.92 -21.54 5.98
CA LEU D 46 2.69 -20.08 6.02
C LEU D 46 1.34 -19.66 6.63
N SER D 47 0.84 -20.49 7.53
CA SER D 47 -0.40 -20.24 8.25
C SER D 47 -0.19 -19.19 9.33
N PHE D 48 -1.07 -18.20 9.43
CA PHE D 48 -0.90 -17.15 10.44
C PHE D 48 -1.11 -17.58 11.89
N LYS D 49 -1.92 -18.62 12.12
CA LYS D 49 -2.11 -19.15 13.47
C LYS D 49 -0.79 -19.76 13.97
N ARG D 50 0.08 -20.18 13.06
CA ARG D 50 1.38 -20.75 13.45
C ARG D 50 2.56 -19.80 13.17
N TRP D 51 2.27 -18.51 13.05
CA TRP D 51 3.31 -17.51 12.77
C TRP D 51 4.22 -17.42 13.97
N ARG D 52 5.48 -17.11 13.71
CA ARG D 52 6.43 -16.96 14.81
C ARG D 52 7.52 -15.93 14.54
N MSE D 53 7.29 -15.04 13.58
CA MSE D 53 8.31 -14.05 13.16
C MSE D 53 7.86 -12.66 13.60
O MSE D 53 6.73 -12.25 13.34
CB MSE D 53 8.47 -14.06 11.64
CG MSE D 53 9.26 -15.25 11.05
SE MSE D 53 11.18 -14.99 11.30
CE MSE D 53 11.81 -14.65 9.49
N VAL D 54 8.72 -11.93 14.30
CA VAL D 54 8.42 -10.55 14.63
C VAL D 54 9.66 -9.73 14.32
N ILE D 55 9.52 -8.72 13.45
CA ILE D 55 10.63 -7.78 13.11
C ILE D 55 10.97 -6.86 14.30
N ILE D 56 12.25 -6.61 14.57
CA ILE D 56 12.57 -5.73 15.70
C ILE D 56 13.38 -4.52 15.20
N ARG D 57 14.00 -4.68 14.02
CA ARG D 57 14.87 -3.63 13.47
C ARG D 57 15.00 -3.74 11.95
N MSE D 58 15.09 -2.58 11.31
CA MSE D 58 15.29 -2.50 9.87
C MSE D 58 16.23 -1.35 9.54
O MSE D 58 16.14 -0.27 10.13
CB MSE D 58 13.92 -2.28 9.21
CG MSE D 58 13.92 -2.13 7.75
SE MSE D 58 12.21 -1.34 7.18
CE MSE D 58 11.02 -2.81 7.77
N GLU D 59 17.17 -1.60 8.60
CA GLU D 59 18.02 -0.57 8.04
C GLU D 59 17.95 -0.64 6.53
N VAL D 60 17.82 0.50 5.86
CA VAL D 60 17.84 0.53 4.38
C VAL D 60 18.73 1.66 3.82
N ASP D 61 19.69 1.30 2.96
CA ASP D 61 20.42 2.29 2.17
C ASP D 61 19.83 2.35 0.76
N TYR D 62 19.35 3.52 0.39
CA TYR D 62 18.86 3.80 -0.94
C TYR D 62 19.99 4.35 -1.80
N VAL D 63 20.58 3.46 -2.59
CA VAL D 63 21.80 3.71 -3.39
C VAL D 63 21.49 4.38 -4.73
N ASN D 64 20.48 3.89 -5.44
CA ASN D 64 20.16 4.43 -6.76
C ASN D 64 18.66 4.38 -6.90
N GLN D 65 18.12 5.27 -7.74
N GLN D 65 18.08 5.29 -7.70
CA GLN D 65 16.69 5.33 -8.06
CA GLN D 65 16.62 5.25 -7.88
C GLN D 65 16.22 4.09 -8.83
C GLN D 65 16.24 4.08 -8.76
N MSE D 66 15.00 3.63 -8.55
CA MSE D 66 14.41 2.57 -9.34
C MSE D 66 13.16 3.05 -10.03
O MSE D 66 12.49 4.03 -9.59
CB MSE D 66 14.10 1.38 -8.44
CG MSE D 66 15.38 0.71 -8.02
SE MSE D 66 15.14 -0.92 -7.01
CE MSE D 66 14.78 -0.07 -5.32
N TYR D 67 12.83 2.34 -11.11
CA TYR D 67 11.80 2.81 -12.02
C TYR D 67 10.76 1.74 -12.26
N TYR D 68 9.50 2.16 -12.39
CA TYR D 68 8.47 1.33 -12.99
C TYR D 68 8.87 0.97 -14.43
N GLY D 69 8.63 -0.26 -14.86
CA GLY D 69 8.82 -0.60 -16.26
C GLY D 69 9.91 -1.61 -16.52
N GLN D 70 10.65 -1.96 -15.47
CA GLN D 70 11.71 -2.96 -15.56
C GLN D 70 11.65 -3.74 -14.25
N ASP D 71 11.87 -5.06 -14.35
CA ASP D 71 11.91 -5.93 -13.19
C ASP D 71 13.06 -5.60 -12.25
N VAL D 72 12.87 -5.93 -10.99
CA VAL D 72 13.90 -5.80 -10.01
C VAL D 72 14.10 -7.17 -9.42
N THR D 73 15.29 -7.38 -8.87
CA THR D 73 15.61 -8.62 -8.21
C THR D 73 16.05 -8.38 -6.78
N VAL D 74 15.39 -9.10 -5.87
CA VAL D 74 15.72 -9.08 -4.45
C VAL D 74 16.55 -10.30 -4.15
N TYR D 75 17.74 -10.10 -3.57
CA TYR D 75 18.60 -11.15 -3.03
C TYR D 75 18.56 -11.03 -1.52
N THR D 76 18.29 -12.15 -0.84
CA THR D 76 18.00 -12.19 0.60
C THR D 76 18.76 -13.37 1.21
N GLY D 77 19.57 -13.13 2.25
CA GLY D 77 20.29 -14.25 2.86
C GLY D 77 20.41 -13.99 4.34
N ILE D 78 20.85 -15.00 5.10
CA ILE D 78 20.97 -14.83 6.56
C ILE D 78 22.38 -14.36 6.94
N GLU D 79 22.47 -13.24 7.67
CA GLU D 79 23.80 -12.78 8.06
C GLU D 79 24.23 -13.44 9.37
N ARG D 80 23.29 -13.51 10.31
CA ARG D 80 23.54 -14.07 11.62
C ARG D 80 22.32 -14.89 12.07
N ILE D 81 22.56 -16.05 12.65
CA ILE D 81 21.52 -16.79 13.38
C ILE D 81 21.86 -16.63 14.87
N GLY D 82 21.13 -15.75 15.57
CA GLY D 82 21.37 -15.52 17.00
C GLY D 82 20.62 -16.52 17.85
N ASN D 83 20.51 -16.25 19.14
CA ASN D 83 19.81 -17.22 19.98
C ASN D 83 18.30 -17.15 19.72
N THR D 84 17.73 -15.97 19.85
CA THR D 84 16.30 -15.76 19.52
C THR D 84 16.12 -14.91 18.26
N SER D 85 17.14 -14.14 17.89
CA SER D 85 17.03 -13.26 16.74
C SER D 85 17.82 -13.79 15.55
N LEU D 86 17.49 -13.33 14.36
CA LEU D 86 18.34 -13.56 13.20
C LEU D 86 18.42 -12.26 12.42
N THR D 87 19.55 -12.05 11.77
CA THR D 87 19.79 -10.85 11.02
C THR D 87 19.85 -11.24 9.55
N ILE D 88 19.04 -10.57 8.75
CA ILE D 88 18.93 -10.80 7.34
C ILE D 88 19.70 -9.69 6.61
N TYR D 89 20.54 -10.10 5.67
CA TYR D 89 21.15 -9.15 4.77
C TYR D 89 20.43 -9.24 3.42
N GLU D 90 20.15 -8.11 2.79
CA GLU D 90 19.30 -8.11 1.62
C GLU D 90 19.61 -6.97 0.69
N GLU D 91 19.48 -7.20 -0.63
CA GLU D 91 19.72 -6.17 -1.66
C GLU D 91 18.68 -6.21 -2.74
N ILE D 92 18.40 -5.05 -3.33
CA ILE D 92 17.53 -4.98 -4.51
C ILE D 92 18.34 -4.40 -5.67
N HIS D 93 18.28 -5.10 -6.82
CA HIS D 93 18.97 -4.69 -8.03
C HIS D 93 17.96 -4.38 -9.13
N GLN D 94 18.27 -3.40 -9.98
CA GLN D 94 17.50 -3.17 -11.21
C GLN D 94 18.51 -2.95 -12.31
N ASN D 95 18.26 -3.53 -13.47
CA ASN D 95 19.14 -3.35 -14.65
C ASN D 95 20.63 -3.70 -14.32
N GLY D 96 20.81 -4.70 -13.47
CA GLY D 96 22.16 -5.19 -13.11
C GLY D 96 22.94 -4.30 -12.15
N VAL D 97 22.24 -3.36 -11.50
CA VAL D 97 22.86 -2.37 -10.61
C VAL D 97 22.22 -2.53 -9.23
N VAL D 98 23.03 -2.54 -8.17
CA VAL D 98 22.49 -2.56 -6.81
C VAL D 98 21.77 -1.24 -6.59
N CYS D 99 20.51 -1.29 -6.16
CA CYS D 99 19.78 -0.03 -5.90
C CYS D 99 19.45 0.25 -4.46
N ALA D 100 19.38 -0.79 -3.65
CA ALA D 100 19.02 -0.70 -2.24
C ALA D 100 19.71 -1.85 -1.52
N LYS D 101 20.16 -1.60 -0.29
CA LYS D 101 20.87 -2.61 0.51
C LYS D 101 20.28 -2.48 1.89
N GLY D 102 19.96 -3.62 2.49
CA GLY D 102 19.18 -3.62 3.73
C GLY D 102 19.69 -4.64 4.71
N ARG D 103 19.44 -4.35 5.99
CA ARG D 103 19.52 -5.35 7.06
C ARG D 103 18.24 -5.33 7.83
N SER D 104 17.76 -6.50 8.22
CA SER D 104 16.62 -6.55 9.14
C SER D 104 16.88 -7.62 10.20
N VAL D 105 16.35 -7.35 11.39
CA VAL D 105 16.46 -8.26 12.52
C VAL D 105 15.05 -8.68 12.94
N TYR D 106 14.82 -9.99 13.00
CA TYR D 106 13.57 -10.58 13.47
C TYR D 106 13.83 -11.38 14.73
N VAL D 107 12.82 -11.56 15.56
CA VAL D 107 12.93 -12.55 16.63
C VAL D 107 11.94 -13.64 16.40
N ASN D 108 12.31 -14.84 16.80
CA ASN D 108 11.39 -15.97 16.91
C ASN D 108 10.48 -15.66 18.06
N PHE D 109 9.17 -15.72 17.84
CA PHE D 109 8.22 -15.21 18.82
C PHE D 109 7.09 -16.19 19.07
N ASN D 110 6.75 -16.35 20.34
CA ASN D 110 5.70 -17.24 20.74
C ASN D 110 4.50 -16.39 21.11
N PHE D 111 3.54 -16.31 20.21
CA PHE D 111 2.30 -15.54 20.42
C PHE D 111 1.38 -16.16 21.47
N ASP D 112 1.63 -17.43 21.85
CA ASP D 112 0.84 -18.09 22.92
C ASP D 112 1.24 -17.58 24.29
N THR D 113 2.54 -17.35 24.51
CA THR D 113 3.06 -16.90 25.80
C THR D 113 3.41 -15.42 25.77
N GLY D 114 3.44 -14.84 24.58
CA GLY D 114 3.77 -13.43 24.43
C GLY D 114 5.24 -13.05 24.65
N ARG D 115 6.16 -13.99 24.44
CA ARG D 115 7.57 -13.75 24.71
C ARG D 115 8.36 -14.19 23.49
N PRO D 116 9.54 -13.57 23.25
CA PRO D 116 10.48 -14.07 22.24
C PRO D 116 10.99 -15.39 22.72
N GLU D 117 11.38 -16.28 21.80
CA GLU D 117 11.82 -17.60 22.20
C GLU D 117 13.01 -18.02 21.38
N PRO D 118 13.96 -18.77 21.98
CA PRO D 118 15.12 -19.27 21.23
C PRO D 118 14.71 -19.96 19.93
N ILE D 119 15.42 -19.73 18.85
CA ILE D 119 15.13 -20.41 17.57
C ILE D 119 15.43 -21.89 17.74
N PRO D 120 14.46 -22.77 17.42
CA PRO D 120 14.59 -24.22 17.59
C PRO D 120 15.73 -24.82 16.78
N ASP D 121 16.34 -25.88 17.31
CA ASP D 121 17.45 -26.53 16.62
C ASP D 121 17.08 -26.85 15.17
N ASP D 122 15.90 -27.44 14.96
N ASP D 122 15.88 -27.44 14.96
CA ASP D 122 15.52 -27.88 13.63
CA ASP D 122 15.42 -27.85 13.62
C ASP D 122 15.27 -26.73 12.61
C ASP D 122 15.33 -26.70 12.62
N ILE D 123 14.97 -25.51 13.10
CA ILE D 123 14.90 -24.30 12.23
C ILE D 123 16.31 -23.79 11.95
N ARG D 124 17.17 -23.68 12.98
CA ARG D 124 18.60 -23.33 12.80
C ARG D 124 19.23 -24.21 11.73
N VAL D 125 18.94 -25.51 11.80
CA VAL D 125 19.46 -26.47 10.83
C VAL D 125 19.07 -26.06 9.41
N LYS D 126 17.79 -25.70 9.21
CA LYS D 126 17.28 -25.30 7.90
C LYS D 126 17.83 -23.93 7.42
N LEU D 127 18.06 -23.03 8.37
CA LEU D 127 18.55 -21.70 8.07
C LEU D 127 20.01 -21.69 7.63
N ARG D 128 20.80 -22.63 8.16
CA ARG D 128 22.25 -22.65 7.97
C ARG D 128 22.68 -22.71 6.51
N GLU D 129 21.84 -23.32 5.65
CA GLU D 129 22.11 -23.35 4.21
C GLU D 129 22.12 -21.99 3.59
N HIS D 130 21.45 -21.02 4.21
CA HIS D 130 21.18 -19.75 3.56
C HIS D 130 21.92 -18.60 4.19
N VAL D 131 22.94 -18.93 4.98
CA VAL D 131 23.80 -17.94 5.60
C VAL D 131 24.74 -17.47 4.50
N TRP D 132 24.80 -16.16 4.27
CA TRP D 132 25.74 -15.58 3.30
C TRP D 132 27.18 -16.12 3.48
MG MG E . -1.94 -5.23 5.10
MG MG F . 2.68 5.26 -4.77
C1 EDO G . -22.41 15.03 0.92
O1 EDO G . -21.73 16.24 1.28
C2 EDO G . -23.89 15.34 0.66
O2 EDO G . -24.47 15.97 1.82
C1 EDO H . -2.69 -14.68 15.53
O1 EDO H . -1.50 -15.21 16.14
C2 EDO H . -2.83 -15.26 14.13
O2 EDO H . -4.19 -15.61 13.85
C1 EDO I . 27.17 -9.60 4.14
O1 EDO I . 27.35 -10.95 4.57
C2 EDO I . 28.12 -9.32 2.97
O2 EDO I . 27.98 -7.95 2.59
#